data_1MFC
#
_entry.id   1MFC
#
_cell.length_a   47.200
_cell.length_b   128.700
_cell.length_c   80.100
_cell.angle_alpha   90.00
_cell.angle_beta   90.00
_cell.angle_gamma   90.00
#
_symmetry.space_group_name_H-M   'P 21 21 21'
#
loop_
_entity.id
_entity.type
_entity.pdbx_description
1 polymer 'IGG1-LAMBDA SE155-4 FAB (LIGHT CHAIN)'
2 polymer 'IGG1-LAMBDA SE155-4 FAB (HEAVY CHAIN)'
3 branched alpha-D-galactopyranose-(1-2)-[alpha-D-Abequopyranose-(1-3)]alpha-D-mannopyranose-(1-4)-alpha-L-rhamnopyranose
4 water water
#
loop_
_entity_poly.entity_id
_entity_poly.type
_entity_poly.pdbx_seq_one_letter_code
_entity_poly.pdbx_strand_id
1 'polypeptide(L)'
;QAVVTQESALTTSPGETVTLTCRSSTGTVTSGNHANWVQEKPDHLFTGLIGDTNNRAPGVPARFSGSLIGDKAALTITGA
QPEDEAIYFCALWCNNHWIFGGGTKLTVLGQPKSSPSVTLFPPSSEELETNKATLVCTITDFYPGVVTVDWKVDGTPVTQ
GMETTQPSKQSNNKYMASSYLTLTARAWERHSSYSCQVTHEGHTVEKSLSRADCS
;
L
2 'polypeptide(L)'
;EVQVQQSGTVLARPGASVKMSCKASGYTFTNYWMHWIKQRPGQGLEWIGAIYPGNSATFYNHKFRAKTKLTAVTSTITAY
MELSSLTNEDSAVYYCTRGGHGYYGDYWGQGASLTVSSAKTTPPSVYPLAPGSAAQTDSMVTLGCLVKGYFPEPVTVTWN
SGSLSSGVHTFPAVLQSDLYTLSSSVTVPSSTWPSETVTCNVAHPASSTKVDKKIVPRC
;
H
#
loop_
_chem_comp.id
_chem_comp.type
_chem_comp.name
_chem_comp.formula
ABE D-saccharide, alpha linking alpha-D-Abequopyranose 'C6 H12 O4'
GLA D-saccharide, alpha linking alpha-D-galactopyranose 'C6 H12 O6'
MAN D-saccharide, alpha linking alpha-D-mannopyranose 'C6 H12 O6'
RAM L-saccharide, alpha linking alpha-L-rhamnopyranose 'C6 H12 O5'
#
# COMPACT_ATOMS: atom_id res chain seq x y z
N GLN A 1 20.43 -11.35 7.81
CA GLN A 1 20.37 -12.69 8.35
C GLN A 1 20.13 -13.48 7.09
N ALA A 2 19.25 -14.49 7.15
CA ALA A 2 18.88 -15.25 5.96
C ALA A 2 17.90 -14.41 5.13
N VAL A 3 17.89 -14.66 3.83
CA VAL A 3 17.02 -14.03 2.84
C VAL A 3 16.04 -15.11 2.44
N VAL A 4 14.78 -14.71 2.32
CA VAL A 4 13.71 -15.59 1.93
C VAL A 4 13.25 -15.03 0.58
N THR A 5 13.11 -15.85 -0.44
CA THR A 5 12.80 -15.39 -1.78
C THR A 5 11.55 -16.08 -2.33
N GLN A 6 10.68 -15.27 -2.92
CA GLN A 6 9.43 -15.71 -3.50
C GLN A 6 9.37 -15.15 -4.91
N GLU A 7 8.48 -15.68 -5.73
CA GLU A 7 8.27 -15.15 -7.06
C GLU A 7 7.63 -13.82 -6.81
N SER A 8 7.82 -12.88 -7.71
CA SER A 8 7.30 -11.55 -7.52
C SER A 8 5.86 -11.48 -7.97
N ALA A 9 5.51 -12.10 -9.10
CA ALA A 9 4.13 -12.10 -9.54
C ALA A 9 3.83 -13.35 -10.35
N LEU A 10 2.64 -13.95 -10.21
CA LEU A 10 2.23 -15.11 -10.99
C LEU A 10 0.82 -14.83 -11.48
N THR A 11 0.39 -15.38 -12.60
CA THR A 11 -0.92 -15.17 -13.20
C THR A 11 -1.47 -16.55 -13.53
N THR A 12 -2.77 -16.72 -13.32
CA THR A 12 -3.48 -17.94 -13.61
C THR A 12 -4.91 -17.55 -13.97
N SER A 13 -5.69 -18.51 -14.43
CA SER A 13 -7.06 -18.29 -14.81
C SER A 13 -7.90 -19.08 -13.82
N PRO A 14 -9.20 -18.81 -13.64
CA PRO A 14 -10.09 -19.59 -12.80
C PRO A 14 -10.07 -21.07 -13.15
N GLY A 15 -10.00 -21.87 -12.09
CA GLY A 15 -10.05 -23.29 -12.22
C GLY A 15 -8.71 -23.96 -12.42
N GLU A 16 -7.61 -23.24 -12.57
CA GLU A 16 -6.31 -23.87 -12.74
C GLU A 16 -5.63 -24.05 -11.40
N THR A 17 -4.53 -24.80 -11.40
CA THR A 17 -3.72 -25.06 -10.21
C THR A 17 -2.50 -24.17 -10.38
N VAL A 18 -2.01 -23.56 -9.29
CA VAL A 18 -0.85 -22.69 -9.35
C VAL A 18 -0.04 -22.95 -8.10
N THR A 19 1.27 -23.00 -8.23
CA THR A 19 2.13 -23.24 -7.09
C THR A 19 3.08 -22.08 -6.92
N LEU A 20 3.23 -21.67 -5.67
CA LEU A 20 4.05 -20.55 -5.25
C LEU A 20 5.14 -21.18 -4.40
N THR A 21 6.40 -20.80 -4.48
CA THR A 21 7.48 -21.39 -3.69
C THR A 21 8.14 -20.32 -2.83
N CYS A 22 8.86 -20.76 -1.81
CA CYS A 22 9.51 -19.87 -0.86
C CYS A 22 10.81 -20.55 -0.52
N ARG A 23 11.94 -19.93 -0.79
CA ARG A 23 13.20 -20.58 -0.41
C ARG A 23 14.08 -19.69 0.44
N SER A 24 15.11 -20.29 1.03
CA SER A 24 16.02 -19.65 1.98
C SER A 24 17.43 -19.58 1.40
N SER A 25 18.22 -18.58 1.80
CA SER A 25 19.63 -18.49 1.42
C SER A 25 20.57 -19.47 2.14
N THR A 26 20.09 -20.32 3.04
CA THR A 26 20.95 -21.28 3.73
C THR A 26 20.85 -22.67 3.09
N GLY A 27 20.19 -22.73 1.94
CA GLY A 27 19.89 -24.00 1.32
C GLY A 27 18.55 -24.36 1.91
N THR A 28 18.21 -25.63 1.89
CA THR A 28 16.88 -26.11 2.25
C THR A 28 15.97 -25.51 3.34
N VAL A 29 14.67 -25.48 3.08
CA VAL A 29 13.69 -25.19 4.11
C VAL A 29 13.41 -26.58 4.72
N THR A 30 13.23 -26.68 6.02
CA THR A 30 12.91 -27.93 6.70
C THR A 30 11.67 -27.74 7.56
N SER A 31 11.17 -28.78 8.21
CA SER A 31 10.00 -28.67 9.06
C SER A 31 10.25 -27.77 10.24
N GLY A 32 11.50 -27.63 10.65
CA GLY A 32 11.85 -26.80 11.79
C GLY A 32 11.73 -25.33 11.45
N ASN A 33 11.63 -24.96 10.17
CA ASN A 33 11.44 -23.57 9.80
C ASN A 33 9.99 -23.14 9.86
N HIS A 34 9.08 -24.10 10.12
CA HIS A 34 7.64 -23.87 10.25
C HIS A 34 7.05 -22.91 9.21
N ALA A 35 7.24 -23.15 7.90
CA ALA A 35 6.79 -22.24 6.87
C ALA A 35 5.33 -21.77 7.01
N ASN A 36 5.13 -20.46 7.00
CA ASN A 36 3.83 -19.83 7.13
C ASN A 36 3.45 -19.14 5.84
N TRP A 37 2.18 -19.18 5.43
CA TRP A 37 1.71 -18.39 4.31
C TRP A 37 0.55 -17.54 4.77
N VAL A 38 0.51 -16.25 4.45
CA VAL A 38 -0.60 -15.36 4.73
C VAL A 38 -0.99 -14.66 3.45
N GLN A 39 -2.23 -14.20 3.38
CA GLN A 39 -2.78 -13.52 2.23
C GLN A 39 -3.11 -12.08 2.60
N GLU A 40 -2.72 -11.14 1.74
CA GLU A 40 -2.99 -9.73 1.89
C GLU A 40 -3.96 -9.32 0.78
N LYS A 41 -5.15 -8.94 1.20
CA LYS A 41 -6.17 -8.42 0.30
C LYS A 41 -6.28 -6.89 0.49
N PRO A 42 -6.92 -6.08 -0.38
CA PRO A 42 -6.91 -4.62 -0.27
C PRO A 42 -7.44 -4.14 1.06
N ASP A 43 -6.93 -2.95 1.37
CA ASP A 43 -7.23 -2.22 2.58
C ASP A 43 -6.80 -2.96 3.83
N HIS A 44 -5.59 -3.53 3.73
CA HIS A 44 -4.87 -4.15 4.84
C HIS A 44 -5.64 -5.27 5.50
N LEU A 45 -6.28 -6.10 4.68
CA LEU A 45 -6.99 -7.25 5.18
C LEU A 45 -6.07 -8.45 5.14
N PHE A 46 -5.50 -8.91 6.25
CA PHE A 46 -4.69 -10.12 6.21
C PHE A 46 -5.41 -11.33 6.76
N THR A 47 -5.12 -12.49 6.17
CA THR A 47 -5.67 -13.77 6.58
C THR A 47 -4.54 -14.76 6.77
N GLY A 48 -4.50 -15.50 7.88
CA GLY A 48 -3.53 -16.56 8.00
C GLY A 48 -4.01 -17.69 7.09
N LEU A 49 -3.14 -18.40 6.35
CA LEU A 49 -3.59 -19.42 5.41
C LEU A 49 -3.04 -20.77 5.82
N ILE A 50 -1.71 -20.88 5.98
CA ILE A 50 -1.03 -22.15 6.28
C ILE A 50 -0.06 -21.85 7.43
N GLY A 51 -0.02 -22.66 8.49
CA GLY A 51 0.98 -22.55 9.52
C GLY A 51 1.70 -23.88 9.60
N ASP A 52 2.91 -23.91 10.15
CA ASP A 52 3.69 -25.13 10.33
C ASP A 52 3.78 -26.01 9.10
N THR A 53 4.26 -25.40 8.03
CA THR A 53 4.43 -26.02 6.72
C THR A 53 3.12 -26.40 6.03
N ASN A 54 2.17 -27.08 6.65
CA ASN A 54 1.01 -27.57 5.93
C ASN A 54 -0.30 -27.52 6.69
N ASN A 55 -0.45 -26.78 7.79
CA ASN A 55 -1.72 -26.75 8.49
C ASN A 55 -2.58 -25.63 7.98
N ARG A 56 -3.78 -25.86 7.42
CA ARG A 56 -4.68 -24.77 7.05
C ARG A 56 -5.11 -24.04 8.31
N ALA A 57 -5.14 -22.71 8.29
CA ALA A 57 -5.60 -21.93 9.42
C ALA A 57 -7.11 -22.13 9.50
N PRO A 58 -7.79 -21.79 10.62
CA PRO A 58 -9.25 -21.82 10.73
C PRO A 58 -10.05 -21.17 9.60
N GLY A 59 -10.85 -22.00 8.93
CA GLY A 59 -11.77 -21.52 7.92
C GLY A 59 -11.16 -21.19 6.56
N VAL A 60 -9.98 -21.74 6.28
CA VAL A 60 -9.35 -21.58 5.00
C VAL A 60 -9.88 -22.71 4.13
N PRO A 61 -10.32 -22.41 2.89
CA PRO A 61 -10.73 -23.39 1.90
C PRO A 61 -9.77 -24.53 1.66
N ALA A 62 -10.31 -25.72 1.36
CA ALA A 62 -9.45 -26.87 1.18
C ALA A 62 -8.63 -26.79 -0.09
N ARG A 63 -8.91 -25.89 -1.03
CA ARG A 63 -8.10 -25.71 -2.22
C ARG A 63 -6.70 -25.13 -1.91
N PHE A 64 -6.48 -24.66 -0.69
CA PHE A 64 -5.19 -24.14 -0.29
C PHE A 64 -4.41 -25.24 0.40
N SER A 65 -3.23 -25.65 -0.06
CA SER A 65 -2.41 -26.57 0.73
C SER A 65 -0.93 -26.16 0.71
N GLY A 66 -0.20 -26.51 1.77
CA GLY A 66 1.20 -26.14 1.91
C GLY A 66 1.98 -27.43 1.95
N SER A 67 3.17 -27.49 1.37
CA SER A 67 3.99 -28.68 1.41
C SER A 67 5.42 -28.21 1.26
N LEU A 68 6.38 -29.09 1.48
CA LEU A 68 7.76 -28.76 1.17
C LEU A 68 7.99 -29.48 -0.13
N ILE A 69 8.40 -28.81 -1.22
CA ILE A 69 8.64 -29.53 -2.46
C ILE A 69 10.15 -29.41 -2.61
N GLY A 70 10.76 -30.51 -2.25
CA GLY A 70 12.19 -30.63 -2.29
C GLY A 70 12.78 -29.86 -1.12
N ASP A 71 13.39 -28.76 -1.50
CA ASP A 71 14.11 -27.94 -0.55
C ASP A 71 13.44 -26.58 -0.33
N LYS A 72 12.22 -26.44 -0.80
CA LYS A 72 11.49 -25.19 -0.78
C LYS A 72 10.18 -25.43 -0.08
N ALA A 73 9.59 -24.39 0.52
CA ALA A 73 8.24 -24.54 1.00
C ALA A 73 7.40 -24.13 -0.19
N ALA A 74 6.18 -24.61 -0.34
CA ALA A 74 5.33 -24.21 -1.44
C ALA A 74 3.88 -24.23 -1.01
N LEU A 75 3.12 -23.31 -1.60
CA LEU A 75 1.69 -23.21 -1.41
C LEU A 75 1.11 -23.53 -2.79
N THR A 76 0.11 -24.41 -2.85
CA THR A 76 -0.56 -24.80 -4.08
C THR A 76 -2.02 -24.42 -3.92
N ILE A 77 -2.61 -23.82 -4.94
CA ILE A 77 -4.02 -23.50 -4.88
C ILE A 77 -4.56 -24.40 -5.98
N THR A 78 -5.41 -25.37 -5.69
CA THR A 78 -5.94 -26.24 -6.74
C THR A 78 -7.30 -25.72 -7.11
N GLY A 79 -7.41 -25.16 -8.32
CA GLY A 79 -8.70 -24.67 -8.76
C GLY A 79 -8.89 -23.31 -8.16
N ALA A 80 -8.08 -22.39 -8.68
CA ALA A 80 -8.04 -21.00 -8.24
C ALA A 80 -9.30 -20.24 -8.63
N GLN A 81 -9.79 -19.47 -7.68
CA GLN A 81 -11.03 -18.72 -7.74
C GLN A 81 -10.71 -17.24 -7.96
N PRO A 82 -11.54 -16.38 -8.54
CA PRO A 82 -11.21 -14.98 -8.80
C PRO A 82 -10.88 -14.25 -7.49
N GLU A 83 -11.51 -14.67 -6.39
CA GLU A 83 -11.24 -14.05 -5.11
C GLU A 83 -9.87 -14.39 -4.54
N ASP A 84 -9.07 -15.25 -5.15
CA ASP A 84 -7.75 -15.52 -4.61
C ASP A 84 -6.76 -14.51 -5.14
N GLU A 85 -7.17 -13.54 -5.96
CA GLU A 85 -6.25 -12.53 -6.44
C GLU A 85 -5.82 -11.69 -5.24
N ALA A 86 -4.55 -11.80 -4.83
CA ALA A 86 -4.05 -11.19 -3.60
C ALA A 86 -2.53 -11.24 -3.56
N ILE A 87 -1.89 -10.71 -2.51
CA ILE A 87 -0.45 -10.85 -2.31
C ILE A 87 -0.28 -11.91 -1.24
N TYR A 88 0.64 -12.84 -1.47
CA TYR A 88 0.86 -13.97 -0.59
C TYR A 88 2.22 -13.81 0.02
N PHE A 89 2.37 -13.82 1.34
CA PHE A 89 3.71 -13.76 1.93
C PHE A 89 4.08 -15.08 2.59
N CYS A 90 5.33 -15.54 2.48
CA CYS A 90 5.71 -16.66 3.29
C CYS A 90 6.70 -16.10 4.27
N ALA A 91 6.84 -16.76 5.39
CA ALA A 91 7.81 -16.39 6.41
C ALA A 91 8.33 -17.71 6.95
N LEU A 92 9.54 -17.67 7.48
CA LEU A 92 10.22 -18.88 7.91
C LEU A 92 10.68 -18.64 9.34
N TRP A 93 10.54 -19.54 10.34
CA TRP A 93 11.14 -19.34 11.67
C TRP A 93 12.59 -19.76 11.59
N CYS A 94 13.50 -18.82 11.74
CA CYS A 94 14.91 -19.10 11.60
C CYS A 94 15.69 -18.26 12.60
N ASN A 95 16.57 -18.87 13.40
CA ASN A 95 17.37 -18.17 14.41
C ASN A 95 16.51 -17.34 15.36
N ASN A 96 15.35 -17.90 15.69
CA ASN A 96 14.37 -17.24 16.55
C ASN A 96 13.85 -15.89 16.09
N HIS A 97 13.78 -15.76 14.75
CA HIS A 97 13.17 -14.63 14.09
C HIS A 97 12.24 -15.19 13.03
N TRP A 98 11.07 -14.57 12.82
CA TRP A 98 10.25 -14.90 11.67
C TRP A 98 10.84 -13.98 10.59
N ILE A 99 11.22 -14.52 9.44
CA ILE A 99 11.81 -13.78 8.34
C ILE A 99 10.87 -13.96 7.16
N PHE A 100 10.48 -12.82 6.60
CA PHE A 100 9.49 -12.76 5.55
C PHE A 100 10.06 -12.73 4.15
N GLY A 101 9.40 -13.37 3.21
CA GLY A 101 9.77 -13.20 1.80
C GLY A 101 9.13 -11.91 1.35
N GLY A 102 9.34 -11.54 0.10
CA GLY A 102 8.83 -10.27 -0.37
C GLY A 102 7.42 -10.35 -0.89
N GLY A 103 6.76 -11.51 -0.87
CA GLY A 103 5.38 -11.56 -1.34
C GLY A 103 5.22 -11.87 -2.81
N THR A 104 4.17 -12.58 -3.20
CA THR A 104 3.89 -12.82 -4.60
C THR A 104 2.55 -12.20 -4.91
N LYS A 105 2.48 -11.37 -5.95
CA LYS A 105 1.21 -10.88 -6.40
C LYS A 105 0.57 -11.93 -7.30
N LEU A 106 -0.52 -12.55 -6.92
CA LEU A 106 -1.16 -13.49 -7.81
C LEU A 106 -2.36 -12.88 -8.47
N THR A 107 -2.33 -12.82 -9.80
CA THR A 107 -3.49 -12.38 -10.56
C THR A 107 -4.21 -13.66 -10.93
N VAL A 108 -5.52 -13.71 -10.65
CA VAL A 108 -6.36 -14.82 -11.07
C VAL A 108 -7.36 -14.13 -12.01
N LEU A 109 -7.19 -14.27 -13.31
CA LEU A 109 -7.98 -13.57 -14.34
C LEU A 109 -9.48 -13.76 -14.31
N GLY A 110 -10.17 -13.01 -13.49
CA GLY A 110 -11.60 -13.08 -13.43
C GLY A 110 -12.32 -12.15 -14.40
N GLN A 111 -11.61 -11.48 -15.32
CA GLN A 111 -12.16 -10.58 -16.34
C GLN A 111 -11.06 -10.41 -17.39
N PRO A 112 -11.29 -9.93 -18.61
CA PRO A 112 -10.25 -9.78 -19.63
C PRO A 112 -9.25 -8.71 -19.22
N LYS A 113 -8.04 -8.89 -19.72
CA LYS A 113 -6.99 -7.92 -19.51
C LYS A 113 -7.41 -6.62 -20.16
N SER A 114 -6.99 -5.50 -19.56
CA SER A 114 -7.35 -4.21 -20.07
C SER A 114 -6.07 -3.41 -20.05
N SER A 115 -5.86 -2.62 -21.10
CA SER A 115 -4.70 -1.76 -21.19
C SER A 115 -4.90 -0.46 -20.43
N PRO A 116 -3.87 0.18 -19.86
CA PRO A 116 -4.02 1.46 -19.17
C PRO A 116 -4.47 2.63 -20.02
N SER A 117 -5.32 3.46 -19.43
CA SER A 117 -5.64 4.78 -19.94
C SER A 117 -4.67 5.71 -19.21
N VAL A 118 -3.72 6.30 -19.94
CA VAL A 118 -2.70 7.20 -19.40
C VAL A 118 -3.16 8.61 -19.74
N THR A 119 -2.99 9.58 -18.83
CA THR A 119 -3.30 10.96 -19.10
C THR A 119 -2.20 11.76 -18.43
N LEU A 120 -1.58 12.64 -19.21
CA LEU A 120 -0.53 13.48 -18.68
C LEU A 120 -1.06 14.93 -18.63
N PHE A 121 -1.03 15.57 -17.47
CA PHE A 121 -1.49 16.94 -17.32
C PHE A 121 -0.26 17.83 -17.12
N PRO A 122 -0.22 18.99 -17.79
CA PRO A 122 0.81 20.00 -17.58
C PRO A 122 0.62 20.75 -16.27
N PRO A 123 1.59 21.49 -15.69
CA PRO A 123 1.41 22.33 -14.50
C PRO A 123 0.36 23.38 -14.78
N SER A 124 -0.35 23.79 -13.74
CA SER A 124 -1.32 24.87 -13.92
C SER A 124 -0.58 26.21 -13.76
N SER A 125 -1.04 27.31 -14.37
CA SER A 125 -0.47 28.66 -14.21
C SER A 125 -0.24 29.06 -12.75
N GLU A 126 -1.28 28.81 -11.95
CA GLU A 126 -1.28 29.17 -10.54
C GLU A 126 -0.19 28.49 -9.75
N GLU A 127 0.12 27.27 -10.17
CA GLU A 127 1.22 26.58 -9.53
C GLU A 127 2.52 27.14 -10.10
N LEU A 128 2.65 27.44 -11.40
CA LEU A 128 3.91 27.96 -11.96
C LEU A 128 4.29 29.27 -11.32
N GLU A 129 3.26 30.04 -10.95
CA GLU A 129 3.39 31.27 -10.19
C GLU A 129 4.10 31.05 -8.85
N THR A 130 4.03 29.88 -8.21
CA THR A 130 4.71 29.66 -6.94
C THR A 130 6.15 29.22 -7.18
N ASN A 131 6.57 29.09 -8.45
CA ASN A 131 7.92 28.69 -8.81
C ASN A 131 8.10 27.18 -8.77
N LYS A 132 7.02 26.43 -8.92
CA LYS A 132 7.01 24.99 -8.88
C LYS A 132 6.22 24.52 -10.08
N ALA A 133 6.50 23.30 -10.47
CA ALA A 133 5.87 22.73 -11.63
C ALA A 133 5.70 21.26 -11.32
N THR A 134 4.50 20.70 -11.39
CA THR A 134 4.31 19.27 -11.09
C THR A 134 3.57 18.69 -12.32
N LEU A 135 4.13 17.69 -13.02
CA LEU A 135 3.37 17.05 -14.08
C LEU A 135 2.71 15.84 -13.44
N VAL A 136 1.45 15.61 -13.83
CA VAL A 136 0.64 14.54 -13.27
C VAL A 136 0.29 13.53 -14.34
N CYS A 137 0.61 12.27 -14.14
CA CYS A 137 0.28 11.22 -15.09
C CYS A 137 -0.68 10.25 -14.37
N THR A 138 -1.92 10.11 -14.81
CA THR A 138 -2.90 9.22 -14.20
C THR A 138 -2.97 8.01 -15.11
N ILE A 139 -3.01 6.81 -14.52
CA ILE A 139 -2.98 5.56 -15.25
C ILE A 139 -4.19 4.80 -14.71
N THR A 140 -5.27 4.58 -15.46
CA THR A 140 -6.41 3.89 -14.90
C THR A 140 -6.83 2.74 -15.78
N ASP A 141 -7.69 1.86 -15.28
CA ASP A 141 -8.28 0.78 -16.02
C ASP A 141 -7.37 -0.28 -16.61
N PHE A 142 -6.26 -0.56 -15.94
CA PHE A 142 -5.40 -1.63 -16.42
C PHE A 142 -5.68 -2.87 -15.60
N TYR A 143 -5.58 -4.04 -16.26
CA TYR A 143 -5.73 -5.30 -15.58
C TYR A 143 -4.89 -6.31 -16.38
N PRO A 144 -3.95 -7.17 -15.92
CA PRO A 144 -3.40 -7.27 -14.56
C PRO A 144 -2.96 -5.96 -13.89
N GLY A 145 -2.97 -5.90 -12.56
CA GLY A 145 -2.63 -4.67 -11.89
C GLY A 145 -1.15 -4.55 -11.61
N VAL A 146 -0.29 -4.62 -12.61
CA VAL A 146 1.15 -4.51 -12.44
C VAL A 146 1.56 -3.62 -13.60
N VAL A 147 2.27 -2.52 -13.38
CA VAL A 147 2.62 -1.60 -14.46
C VAL A 147 3.99 -1.02 -14.12
N THR A 148 4.77 -0.50 -15.06
CA THR A 148 5.98 0.24 -14.74
C THR A 148 5.80 1.63 -15.37
N VAL A 149 6.28 2.70 -14.77
CA VAL A 149 6.06 4.07 -15.25
C VAL A 149 7.46 4.66 -15.35
N ASP A 150 7.78 5.33 -16.44
CA ASP A 150 9.07 5.92 -16.72
C ASP A 150 8.81 7.32 -17.22
N TRP A 151 9.65 8.26 -16.83
CA TRP A 151 9.52 9.65 -17.24
C TRP A 151 10.74 10.06 -18.06
N LYS A 152 10.52 10.81 -19.15
CA LYS A 152 11.63 11.30 -19.93
C LYS A 152 11.45 12.78 -20.14
N VAL A 153 12.49 13.57 -19.90
CA VAL A 153 12.48 15.01 -20.14
C VAL A 153 13.47 15.15 -21.30
N ASP A 154 13.07 15.76 -22.42
CA ASP A 154 13.82 15.84 -23.69
C ASP A 154 14.66 14.61 -24.03
N GLY A 155 13.94 13.49 -24.01
CA GLY A 155 14.50 12.18 -24.25
C GLY A 155 15.39 11.68 -23.12
N THR A 156 15.91 12.45 -22.16
CA THR A 156 16.77 11.88 -21.15
C THR A 156 15.95 11.21 -20.05
N PRO A 157 16.27 10.00 -19.59
CA PRO A 157 15.60 9.36 -18.46
C PRO A 157 15.63 10.20 -17.19
N VAL A 158 14.50 10.31 -16.51
CA VAL A 158 14.46 11.05 -15.28
C VAL A 158 14.76 10.08 -14.15
N THR A 159 15.72 10.42 -13.29
CA THR A 159 16.08 9.56 -12.18
C THR A 159 15.77 10.17 -10.83
N GLN A 160 15.49 11.48 -10.73
CA GLN A 160 15.16 12.11 -9.47
C GLN A 160 13.96 13.01 -9.67
N GLY A 161 13.16 13.18 -8.63
CA GLY A 161 12.03 14.09 -8.71
C GLY A 161 10.70 13.45 -9.11
N MET A 162 10.58 12.15 -9.31
CA MET A 162 9.26 11.62 -9.59
C MET A 162 8.81 10.69 -8.46
N GLU A 163 7.49 10.58 -8.29
CA GLU A 163 6.83 9.76 -7.28
C GLU A 163 5.73 8.98 -7.95
N THR A 164 5.56 7.68 -7.69
CA THR A 164 4.49 6.87 -8.26
C THR A 164 3.78 6.08 -7.15
N THR A 165 2.47 6.02 -7.22
CA THR A 165 1.72 5.28 -6.23
C THR A 165 1.73 3.80 -6.60
N GLN A 166 1.53 2.93 -5.61
CA GLN A 166 1.36 1.51 -5.85
C GLN A 166 -0.05 1.37 -6.40
N PRO A 167 -0.29 0.43 -7.32
CA PRO A 167 -1.57 0.23 -7.98
C PRO A 167 -2.74 -0.02 -7.07
N SER A 168 -3.84 0.72 -7.11
CA SER A 168 -4.97 0.45 -6.23
C SER A 168 -6.09 -0.12 -7.07
N LYS A 169 -6.88 -1.00 -6.47
CA LYS A 169 -8.02 -1.64 -7.10
C LYS A 169 -9.13 -0.62 -7.30
N GLN A 170 -9.59 -0.48 -8.51
CA GLN A 170 -10.78 0.32 -8.75
C GLN A 170 -11.99 -0.50 -8.31
N SER A 171 -13.16 0.12 -8.25
CA SER A 171 -14.36 -0.58 -7.79
C SER A 171 -14.88 -1.58 -8.83
N ASN A 172 -14.44 -1.40 -10.08
CA ASN A 172 -14.77 -2.33 -11.15
C ASN A 172 -13.70 -3.42 -11.22
N ASN A 173 -12.78 -3.45 -10.28
CA ASN A 173 -11.72 -4.44 -10.13
C ASN A 173 -10.55 -4.46 -11.06
N LYS A 174 -10.51 -3.42 -11.89
CA LYS A 174 -9.33 -3.09 -12.64
C LYS A 174 -8.46 -2.27 -11.70
N TYR A 175 -7.35 -1.66 -12.10
CA TYR A 175 -6.47 -0.95 -11.18
C TYR A 175 -6.19 0.44 -11.70
N MET A 176 -5.66 1.29 -10.82
CA MET A 176 -5.28 2.65 -11.15
C MET A 176 -3.99 3.05 -10.44
N ALA A 177 -3.16 3.95 -10.97
CA ALA A 177 -1.96 4.47 -10.28
C ALA A 177 -1.67 5.88 -10.81
N SER A 178 -0.99 6.76 -10.06
CA SER A 178 -0.61 8.09 -10.55
C SER A 178 0.88 8.28 -10.35
N SER A 179 1.47 9.18 -11.14
CA SER A 179 2.86 9.51 -11.02
C SER A 179 2.98 11.01 -11.24
N TYR A 180 3.94 11.55 -10.50
CA TYR A 180 4.18 12.97 -10.38
C TYR A 180 5.62 13.25 -10.75
N LEU A 181 5.88 14.26 -11.55
CA LEU A 181 7.25 14.71 -11.80
C LEU A 181 7.26 16.10 -11.19
N THR A 182 8.09 16.42 -10.23
CA THR A 182 8.07 17.78 -9.72
C THR A 182 9.39 18.46 -10.06
N LEU A 183 9.29 19.68 -10.57
CA LEU A 183 10.43 20.49 -10.97
C LEU A 183 10.13 21.92 -10.53
N THR A 184 11.13 22.77 -10.57
CA THR A 184 10.94 24.17 -10.25
C THR A 184 10.46 24.81 -11.55
N ALA A 185 9.74 25.92 -11.55
CA ALA A 185 9.32 26.56 -12.79
C ALA A 185 10.54 26.88 -13.64
N ARG A 186 11.67 27.27 -13.04
CA ARG A 186 12.91 27.55 -13.76
C ARG A 186 13.31 26.38 -14.64
N ALA A 187 13.54 25.23 -14.00
CA ALA A 187 13.88 24.00 -14.68
C ALA A 187 12.89 23.58 -15.74
N TRP A 188 11.59 23.77 -15.49
CA TRP A 188 10.55 23.37 -16.42
C TRP A 188 10.69 24.17 -17.69
N GLU A 189 11.16 25.41 -17.53
CA GLU A 189 11.39 26.28 -18.66
C GLU A 189 12.64 25.89 -19.46
N ARG A 190 13.62 25.13 -18.96
CA ARG A 190 14.77 24.75 -19.79
C ARG A 190 14.46 23.53 -20.66
N HIS A 191 13.24 22.98 -20.68
CA HIS A 191 13.01 21.77 -21.45
C HIS A 191 11.70 21.85 -22.20
N SER A 192 11.62 21.14 -23.32
CA SER A 192 10.44 21.21 -24.14
C SER A 192 9.56 19.98 -24.09
N SER A 193 10.04 18.75 -24.29
CA SER A 193 9.18 17.60 -24.37
C SER A 193 9.26 16.83 -23.06
N TYR A 194 8.10 16.35 -22.65
CA TYR A 194 7.90 15.63 -21.39
C TYR A 194 7.11 14.38 -21.68
N SER A 195 7.57 13.24 -21.22
CA SER A 195 6.91 11.99 -21.50
C SER A 195 6.67 11.13 -20.29
N CYS A 196 5.53 10.48 -20.26
CA CYS A 196 5.14 9.59 -19.19
C CYS A 196 5.00 8.31 -20.00
N GLN A 197 5.76 7.27 -19.70
CA GLN A 197 5.74 6.04 -20.48
C GLN A 197 5.34 4.98 -19.50
N VAL A 198 4.30 4.22 -19.85
CA VAL A 198 3.78 3.22 -18.95
C VAL A 198 3.92 1.87 -19.64
N THR A 199 4.63 0.88 -19.11
CA THR A 199 4.66 -0.42 -19.75
C THR A 199 3.77 -1.37 -18.96
N HIS A 200 2.86 -2.05 -19.67
CA HIS A 200 1.91 -2.99 -19.09
C HIS A 200 1.84 -4.21 -20.01
N GLU A 201 2.12 -5.42 -19.53
CA GLU A 201 2.08 -6.65 -20.33
C GLU A 201 2.92 -6.50 -21.60
N GLY A 202 4.17 -6.04 -21.38
CA GLY A 202 5.15 -5.86 -22.43
C GLY A 202 4.83 -4.80 -23.49
N HIS A 203 3.84 -3.94 -23.29
CA HIS A 203 3.55 -2.94 -24.28
C HIS A 203 3.67 -1.59 -23.62
N THR A 204 4.28 -0.61 -24.29
CA THR A 204 4.40 0.73 -23.78
C THR A 204 3.38 1.65 -24.42
N VAL A 205 2.89 2.53 -23.56
CA VAL A 205 1.95 3.61 -23.86
C VAL A 205 2.77 4.85 -23.46
N GLU A 206 2.84 5.85 -24.32
CA GLU A 206 3.61 7.05 -24.04
C GLU A 206 2.66 8.23 -24.22
N LYS A 207 2.65 9.17 -23.29
CA LYS A 207 1.88 10.40 -23.46
C LYS A 207 2.97 11.43 -23.26
N SER A 208 3.05 12.39 -24.18
CA SER A 208 4.11 13.37 -24.20
C SER A 208 3.50 14.74 -24.32
N LEU A 209 4.10 15.82 -23.82
CA LEU A 209 3.61 17.14 -24.11
C LEU A 209 4.84 18.01 -24.29
N SER A 210 4.63 19.19 -24.85
CA SER A 210 5.73 20.11 -25.04
C SER A 210 5.41 21.36 -24.24
N ARG A 211 6.35 21.90 -23.48
CA ARG A 211 6.19 23.19 -22.83
C ARG A 211 6.13 24.15 -24.02
N ALA A 212 5.00 24.70 -24.41
CA ALA A 212 5.02 25.69 -25.48
C ALA A 212 3.70 25.80 -26.22
N GLU B 1 -16.54 -13.91 17.23
CA GLU B 1 -15.82 -15.15 17.04
C GLU B 1 -14.45 -14.75 17.61
N VAL B 2 -13.28 -15.09 17.05
CA VAL B 2 -12.01 -14.55 17.52
C VAL B 2 -11.96 -13.14 16.94
N GLN B 3 -11.52 -12.18 17.74
CA GLN B 3 -11.38 -10.79 17.33
C GLN B 3 -10.07 -10.37 17.98
N VAL B 4 -9.32 -9.54 17.28
CA VAL B 4 -8.07 -8.97 17.77
C VAL B 4 -8.32 -7.51 17.44
N GLN B 5 -8.58 -6.72 18.47
CA GLN B 5 -8.93 -5.32 18.31
C GLN B 5 -7.69 -4.50 18.59
N GLN B 6 -7.40 -3.49 17.78
CA GLN B 6 -6.20 -2.70 17.95
C GLN B 6 -6.57 -1.25 18.24
N SER B 7 -5.62 -0.46 18.74
CA SER B 7 -5.84 0.94 18.98
C SER B 7 -5.74 1.68 17.63
N GLY B 8 -6.13 2.97 17.57
CA GLY B 8 -6.16 3.71 16.33
C GLY B 8 -4.85 4.35 15.91
N THR B 9 -5.03 5.30 14.99
CA THR B 9 -3.99 6.09 14.36
C THR B 9 -3.19 6.96 15.33
N VAL B 10 -1.87 6.98 15.19
CA VAL B 10 -1.05 7.77 16.05
C VAL B 10 -0.25 8.68 15.14
N LEU B 11 -0.04 9.87 15.67
CA LEU B 11 0.73 10.89 15.02
C LEU B 11 1.76 11.22 16.10
N ALA B 12 3.05 11.11 15.80
CA ALA B 12 4.09 11.35 16.79
C ALA B 12 5.20 12.14 16.16
N ARG B 13 5.93 12.82 17.03
CA ARG B 13 7.04 13.65 16.67
C ARG B 13 8.30 12.82 16.79
N PRO B 14 9.35 13.12 16.01
CA PRO B 14 10.65 12.48 16.13
C PRO B 14 11.17 12.59 17.58
N GLY B 15 11.67 11.47 18.10
CA GLY B 15 12.24 11.40 19.44
C GLY B 15 11.28 10.85 20.48
N ALA B 16 9.99 10.97 20.23
CA ALA B 16 8.94 10.52 21.13
C ALA B 16 8.88 9.00 21.32
N SER B 17 7.84 8.57 22.02
CA SER B 17 7.57 7.20 22.36
C SER B 17 6.05 7.05 22.26
N VAL B 18 5.52 5.87 21.87
CA VAL B 18 4.09 5.62 21.75
C VAL B 18 3.86 4.25 22.34
N LYS B 19 2.63 4.01 22.78
CA LYS B 19 2.22 2.74 23.31
C LYS B 19 0.99 2.38 22.49
N MET B 20 0.99 1.20 21.90
CA MET B 20 -0.11 0.70 21.08
C MET B 20 -0.54 -0.56 21.82
N SER B 21 -1.78 -0.98 21.64
CA SER B 21 -2.36 -2.08 22.37
C SER B 21 -3.28 -2.95 21.53
N CYS B 22 -3.44 -4.22 21.90
CA CYS B 22 -4.31 -5.14 21.21
C CYS B 22 -5.06 -5.94 22.24
N LYS B 23 -6.36 -6.06 22.08
CA LYS B 23 -7.27 -6.77 22.97
C LYS B 23 -7.63 -8.08 22.30
N ALA B 24 -7.69 -9.17 23.03
CA ALA B 24 -8.11 -10.43 22.48
C ALA B 24 -9.60 -10.62 22.69
N SER B 25 -10.31 -11.36 21.84
CA SER B 25 -11.69 -11.75 22.06
C SER B 25 -11.86 -13.13 21.45
N GLY B 26 -12.69 -13.97 22.04
CA GLY B 26 -12.99 -15.30 21.49
C GLY B 26 -12.02 -16.43 21.84
N TYR B 27 -11.00 -16.27 22.69
CA TYR B 27 -10.07 -17.34 22.98
C TYR B 27 -9.33 -17.10 24.28
N THR B 28 -8.61 -18.11 24.72
CA THR B 28 -7.84 -18.06 25.94
C THR B 28 -6.45 -17.46 25.71
N PHE B 29 -6.46 -16.16 25.99
CA PHE B 29 -5.31 -15.29 25.88
C PHE B 29 -4.00 -15.92 26.33
N THR B 30 -4.04 -16.67 27.43
CA THR B 30 -2.87 -17.26 28.05
C THR B 30 -2.24 -18.41 27.32
N ASN B 31 -3.04 -19.08 26.50
CA ASN B 31 -2.55 -20.22 25.74
C ASN B 31 -1.87 -19.86 24.44
N TYR B 32 -1.94 -18.59 23.98
CA TYR B 32 -1.45 -18.16 22.68
C TYR B 32 -0.43 -17.03 22.72
N TRP B 33 0.35 -16.88 21.63
CA TRP B 33 1.32 -15.80 21.49
C TRP B 33 0.64 -14.62 20.79
N MET B 34 1.15 -13.45 21.11
CA MET B 34 0.71 -12.22 20.49
C MET B 34 1.99 -11.74 19.81
N HIS B 35 1.97 -11.61 18.48
CA HIS B 35 3.12 -11.13 17.72
C HIS B 35 2.80 -9.76 17.15
N TRP B 36 3.80 -8.94 16.88
CA TRP B 36 3.61 -7.62 16.30
C TRP B 36 4.37 -7.58 14.98
N ILE B 37 3.73 -7.10 13.91
CA ILE B 37 4.26 -7.06 12.54
C ILE B 37 4.34 -5.59 12.10
N LYS B 38 5.38 -5.15 11.42
CA LYS B 38 5.51 -3.80 10.92
C LYS B 38 5.36 -3.89 9.41
N GLN B 39 4.57 -3.06 8.76
CA GLN B 39 4.46 -3.04 7.32
C GLN B 39 4.81 -1.64 6.83
N ARG B 40 5.93 -1.50 6.14
CA ARG B 40 6.30 -0.23 5.57
C ARG B 40 5.63 -0.06 4.24
N PRO B 41 5.11 1.15 3.90
CA PRO B 41 4.68 1.62 2.57
C PRO B 41 5.04 0.72 1.42
N GLY B 42 6.33 0.58 1.17
CA GLY B 42 6.79 -0.54 0.39
C GLY B 42 8.21 -0.87 0.78
N GLN B 43 8.19 -1.75 1.77
CA GLN B 43 9.37 -2.36 2.33
C GLN B 43 8.99 -3.71 2.90
N GLY B 44 7.85 -4.25 2.45
CA GLY B 44 7.37 -5.53 2.90
C GLY B 44 6.92 -5.55 4.35
N LEU B 45 7.07 -6.72 4.98
CA LEU B 45 6.64 -6.96 6.33
C LEU B 45 7.84 -7.30 7.18
N GLU B 46 7.90 -6.90 8.45
CA GLU B 46 9.00 -7.27 9.31
C GLU B 46 8.42 -7.71 10.63
N TRP B 47 8.90 -8.78 11.21
CA TRP B 47 8.44 -9.24 12.49
C TRP B 47 9.19 -8.46 13.57
N ILE B 48 8.45 -7.86 14.49
CA ILE B 48 9.02 -7.09 15.59
C ILE B 48 9.31 -7.97 16.77
N GLY B 49 8.36 -8.82 17.19
CA GLY B 49 8.59 -9.70 18.33
C GLY B 49 7.31 -10.39 18.76
N ALA B 50 7.33 -11.09 19.89
CA ALA B 50 6.18 -11.86 20.32
C ALA B 50 6.21 -11.98 21.83
N ILE B 51 5.04 -12.09 22.48
CA ILE B 51 4.94 -12.29 23.90
C ILE B 51 3.90 -13.37 24.14
N TYR B 52 4.18 -14.23 25.13
CA TYR B 52 3.30 -15.30 25.57
C TYR B 52 2.72 -14.79 26.87
N PRO B 53 1.48 -14.30 26.95
CA PRO B 53 0.91 -13.78 28.19
C PRO B 53 0.93 -14.82 29.32
N GLY B 54 0.63 -16.10 29.05
CA GLY B 54 0.67 -17.16 30.06
C GLY B 54 1.92 -17.17 30.94
N ASN B 55 3.12 -16.81 30.48
CA ASN B 55 4.30 -16.78 31.33
C ASN B 55 5.20 -15.59 31.02
N SER B 56 4.68 -14.66 30.20
CA SER B 56 5.40 -13.50 29.71
C SER B 56 6.77 -13.76 29.09
N ALA B 57 6.89 -14.88 28.36
CA ALA B 57 8.08 -15.13 27.53
C ALA B 57 7.96 -14.16 26.35
N THR B 58 9.05 -13.52 25.97
CA THR B 58 9.05 -12.59 24.86
C THR B 58 10.15 -13.06 23.90
N PHE B 59 10.02 -12.77 22.62
CA PHE B 59 11.06 -13.04 21.64
C PHE B 59 11.16 -11.68 20.96
N TYR B 60 12.34 -11.24 20.48
CA TYR B 60 12.44 -9.95 19.83
C TYR B 60 13.33 -10.04 18.62
N ASN B 61 13.00 -9.21 17.66
CA ASN B 61 13.85 -9.11 16.49
C ASN B 61 15.05 -8.30 16.99
N HIS B 62 16.28 -8.70 16.63
CA HIS B 62 17.50 -8.05 17.12
C HIS B 62 17.52 -6.56 16.77
N LYS B 63 17.07 -6.30 15.55
CA LYS B 63 16.98 -4.98 14.95
C LYS B 63 16.05 -4.09 15.73
N PHE B 64 15.05 -4.63 16.41
CA PHE B 64 14.11 -3.80 17.14
C PHE B 64 14.32 -3.88 18.63
N ARG B 65 15.12 -4.80 19.20
CA ARG B 65 15.25 -4.92 20.64
C ARG B 65 15.61 -3.62 21.35
N ALA B 66 16.41 -2.76 20.76
CA ALA B 66 16.82 -1.55 21.42
C ALA B 66 15.68 -0.57 21.61
N LYS B 67 14.64 -0.55 20.79
CA LYS B 67 13.60 0.45 20.98
C LYS B 67 12.20 -0.04 21.32
N THR B 68 11.99 -1.34 21.52
CA THR B 68 10.66 -1.86 21.76
C THR B 68 10.50 -2.50 23.13
N LYS B 69 9.35 -2.32 23.78
CA LYS B 69 9.09 -3.03 25.01
C LYS B 69 7.74 -3.69 24.80
N LEU B 70 7.66 -5.02 24.89
CA LEU B 70 6.39 -5.70 24.69
C LEU B 70 5.89 -6.10 26.07
N THR B 71 4.61 -5.94 26.37
CA THR B 71 4.06 -6.33 27.67
C THR B 71 2.67 -6.90 27.44
N ALA B 72 2.04 -7.51 28.43
CA ALA B 72 0.67 -7.99 28.30
C ALA B 72 -0.01 -7.92 29.67
N VAL B 73 -1.28 -7.55 29.79
CA VAL B 73 -1.98 -7.59 31.06
C VAL B 73 -3.08 -8.63 30.88
N THR B 74 -2.94 -9.75 31.59
CA THR B 74 -3.89 -10.84 31.54
C THR B 74 -5.26 -10.43 32.06
N SER B 75 -5.34 -9.66 33.16
CA SER B 75 -6.62 -9.22 33.70
C SER B 75 -7.46 -8.48 32.67
N THR B 76 -6.76 -7.74 31.79
CA THR B 76 -7.37 -6.86 30.80
C THR B 76 -7.41 -7.49 29.39
N ILE B 77 -6.82 -8.67 29.24
CA ILE B 77 -6.53 -9.35 27.97
C ILE B 77 -6.07 -8.44 26.83
N THR B 78 -5.07 -7.67 27.24
CA THR B 78 -4.50 -6.67 26.36
C THR B 78 -2.98 -6.80 26.24
N ALA B 79 -2.38 -6.72 25.03
CA ALA B 79 -0.94 -6.68 24.86
C ALA B 79 -0.56 -5.26 24.44
N TYR B 80 0.61 -4.83 24.86
CA TYR B 80 1.11 -3.50 24.59
C TYR B 80 2.46 -3.56 23.93
N MET B 81 2.73 -2.61 23.04
CA MET B 81 4.05 -2.47 22.47
C MET B 81 4.35 -1.00 22.67
N GLU B 82 5.46 -0.69 23.31
CA GLU B 82 5.90 0.69 23.46
C GLU B 82 7.09 0.88 22.53
N LEU B 83 7.11 1.89 21.67
CA LEU B 83 8.24 2.12 20.79
C LEU B 83 8.92 3.36 21.28
N SER B 84 10.25 3.42 21.36
CA SER B 84 10.88 4.63 21.83
C SER B 84 11.78 5.27 20.77
N SER B 85 12.21 6.53 21.00
CA SER B 85 13.10 7.31 20.16
C SER B 85 12.76 7.20 18.68
N LEU B 86 11.51 7.56 18.40
CA LEU B 86 11.00 7.40 17.04
C LEU B 86 11.69 8.26 16.01
N THR B 87 11.82 7.74 14.80
CA THR B 87 12.39 8.44 13.66
C THR B 87 11.38 8.20 12.55
N ASN B 88 11.50 8.89 11.44
CA ASN B 88 10.49 8.78 10.41
C ASN B 88 10.40 7.39 9.80
N GLU B 89 11.46 6.59 10.00
CA GLU B 89 11.51 5.20 9.55
C GLU B 89 10.56 4.29 10.34
N ASP B 90 9.98 4.72 11.46
CA ASP B 90 9.03 3.91 12.20
C ASP B 90 7.62 4.14 11.73
N SER B 91 7.40 5.02 10.75
CA SER B 91 6.08 5.23 10.21
C SER B 91 5.71 3.98 9.41
N ALA B 92 4.64 3.32 9.80
CA ALA B 92 4.25 2.06 9.22
C ALA B 92 2.88 1.74 9.77
N VAL B 93 2.27 0.66 9.27
CA VAL B 93 1.05 0.13 9.85
C VAL B 93 1.60 -1.01 10.66
N TYR B 94 1.17 -1.11 11.91
CA TYR B 94 1.61 -2.18 12.81
C TYR B 94 0.44 -3.10 13.00
N TYR B 95 0.65 -4.42 13.04
CA TYR B 95 -0.42 -5.38 13.21
C TYR B 95 -0.12 -6.23 14.43
N CYS B 96 -1.09 -6.64 15.24
CA CYS B 96 -0.78 -7.68 16.18
C CYS B 96 -1.56 -8.84 15.60
N THR B 97 -0.93 -10.00 15.72
CA THR B 97 -1.45 -11.24 15.15
C THR B 97 -1.46 -12.31 16.27
N ARG B 98 -2.36 -13.29 16.20
CA ARG B 98 -2.39 -14.37 17.17
C ARG B 98 -1.57 -15.57 16.68
N GLY B 99 -0.64 -16.05 17.49
CA GLY B 99 0.24 -17.16 17.14
C GLY B 99 0.22 -18.33 18.12
N GLY B 100 0.87 -19.40 17.74
CA GLY B 100 0.90 -20.62 18.53
C GLY B 100 2.09 -21.43 18.06
N HIS B 101 2.04 -22.75 18.19
CA HIS B 101 3.16 -23.59 17.81
C HIS B 101 3.26 -23.64 16.28
N GLY B 102 4.42 -23.25 15.77
CA GLY B 102 4.72 -23.24 14.35
C GLY B 102 4.02 -22.11 13.61
N TYR B 103 3.37 -21.13 14.20
CA TYR B 103 2.77 -20.07 13.41
C TYR B 103 2.70 -18.80 14.23
N TYR B 104 2.76 -17.65 13.54
CA TYR B 104 2.69 -16.37 14.21
C TYR B 104 1.36 -15.63 14.06
N GLY B 105 0.50 -15.92 13.08
CA GLY B 105 -0.69 -15.10 12.94
C GLY B 105 -1.74 -15.77 12.08
N ASP B 106 -2.63 -16.54 12.72
CA ASP B 106 -3.77 -17.11 12.03
C ASP B 106 -4.87 -16.08 11.98
N TYR B 107 -5.05 -15.28 13.05
CA TYR B 107 -5.97 -14.17 13.05
C TYR B 107 -5.17 -12.88 13.23
N TRP B 108 -5.50 -11.88 12.43
CA TRP B 108 -4.84 -10.60 12.39
C TRP B 108 -5.75 -9.47 12.86
N GLY B 109 -5.11 -8.55 13.56
CA GLY B 109 -5.78 -7.33 13.91
C GLY B 109 -5.84 -6.46 12.65
N GLN B 110 -6.53 -5.34 12.74
CA GLN B 110 -6.74 -4.51 11.56
C GLN B 110 -5.62 -3.53 11.18
N GLY B 111 -4.65 -3.34 12.08
CA GLY B 111 -3.51 -2.47 11.80
C GLY B 111 -3.73 -1.11 12.42
N ALA B 112 -2.67 -0.53 12.99
CA ALA B 112 -2.71 0.78 13.62
C ALA B 112 -1.68 1.54 12.84
N SER B 113 -1.98 2.71 12.31
CA SER B 113 -1.03 3.44 11.52
C SER B 113 -0.29 4.36 12.46
N LEU B 114 1.03 4.48 12.30
CA LEU B 114 1.83 5.41 13.06
C LEU B 114 2.51 6.27 12.02
N THR B 115 2.43 7.60 12.12
CA THR B 115 3.20 8.50 11.25
C THR B 115 4.07 9.30 12.23
N VAL B 116 5.36 9.42 11.95
CA VAL B 116 6.33 10.15 12.77
C VAL B 116 6.74 11.27 11.84
N SER B 117 6.51 12.52 12.25
CA SER B 117 6.75 13.67 11.43
C SER B 117 6.84 14.91 12.30
N SER B 118 7.72 15.84 11.94
CA SER B 118 7.85 17.13 12.57
C SER B 118 7.05 18.17 11.82
N ALA B 119 6.29 17.75 10.80
CA ALA B 119 5.51 18.69 10.01
C ALA B 119 4.40 19.31 10.86
N LYS B 120 3.85 20.43 10.42
CA LYS B 120 2.78 21.09 11.16
C LYS B 120 1.51 20.91 10.32
N THR B 121 0.33 21.15 10.90
CA THR B 121 -0.92 21.02 10.16
C THR B 121 -0.86 22.04 9.04
N THR B 122 -0.85 21.59 7.80
CA THR B 122 -0.75 22.49 6.67
C THR B 122 -1.98 22.23 5.82
N PRO B 123 -2.72 23.26 5.38
CA PRO B 123 -3.80 23.11 4.41
C PRO B 123 -3.26 22.86 3.00
N PRO B 124 -4.00 22.14 2.15
CA PRO B 124 -3.68 21.97 0.75
C PRO B 124 -3.86 23.22 -0.09
N SER B 125 -2.98 23.27 -1.09
CA SER B 125 -3.10 24.23 -2.15
C SER B 125 -3.81 23.36 -3.20
N VAL B 126 -4.91 23.76 -3.81
CA VAL B 126 -5.60 22.91 -4.76
C VAL B 126 -5.40 23.56 -6.12
N TYR B 127 -5.04 22.81 -7.15
CA TYR B 127 -4.78 23.36 -8.47
C TYR B 127 -5.66 22.63 -9.46
N PRO B 128 -6.32 23.28 -10.41
CA PRO B 128 -7.11 22.61 -11.45
C PRO B 128 -6.24 21.97 -12.52
N LEU B 129 -6.62 20.82 -13.07
CA LEU B 129 -5.84 20.18 -14.10
C LEU B 129 -6.82 20.05 -15.24
N ALA B 130 -6.55 20.89 -16.21
CA ALA B 130 -7.34 20.93 -17.40
C ALA B 130 -6.44 20.37 -18.48
N PRO B 131 -7.00 19.74 -19.50
CA PRO B 131 -6.26 19.26 -20.67
C PRO B 131 -5.61 20.43 -21.40
N GLY B 132 -6.60 21.30 -21.55
CA GLY B 132 -6.67 22.57 -22.20
C GLY B 132 -8.18 22.80 -22.13
N SER B 133 -8.82 22.97 -23.15
N MET B 140 -14.17 11.73 -24.73
CA MET B 140 -14.50 12.11 -23.39
C MET B 140 -13.28 12.89 -22.96
N VAL B 141 -13.38 13.68 -21.91
CA VAL B 141 -12.26 14.50 -21.51
C VAL B 141 -12.08 14.20 -20.04
N THR B 142 -10.81 14.20 -19.64
CA THR B 142 -10.44 13.93 -18.27
C THR B 142 -9.97 15.22 -17.65
N LEU B 143 -10.55 15.56 -16.52
CA LEU B 143 -10.20 16.78 -15.80
C LEU B 143 -9.64 16.29 -14.48
N GLY B 144 -8.86 17.09 -13.75
CA GLY B 144 -8.34 16.64 -12.47
C GLY B 144 -8.11 17.76 -11.47
N CYS B 145 -7.87 17.45 -10.20
CA CYS B 145 -7.49 18.44 -9.22
C CYS B 145 -6.29 17.84 -8.57
N LEU B 146 -5.28 18.67 -8.40
CA LEU B 146 -4.09 18.31 -7.65
C LEU B 146 -4.25 18.90 -6.25
N VAL B 147 -4.08 18.09 -5.22
CA VAL B 147 -4.27 18.54 -3.86
C VAL B 147 -2.87 18.39 -3.32
N LYS B 148 -2.20 19.51 -3.15
CA LYS B 148 -0.79 19.49 -2.83
C LYS B 148 -0.42 20.10 -1.48
N GLY B 149 0.51 19.45 -0.79
CA GLY B 149 1.12 20.01 0.39
C GLY B 149 0.26 20.11 1.64
N TYR B 150 -0.47 19.07 2.00
CA TYR B 150 -1.21 19.10 3.25
C TYR B 150 -0.62 18.17 4.29
N PHE B 151 -0.87 18.42 5.56
CA PHE B 151 -0.48 17.52 6.63
C PHE B 151 -1.56 17.72 7.69
N PRO B 152 -2.05 16.74 8.44
CA PRO B 152 -1.89 15.31 8.17
C PRO B 152 -2.97 14.82 7.22
N GLU B 153 -3.04 13.52 7.08
CA GLU B 153 -4.08 12.86 6.31
C GLU B 153 -5.36 12.96 7.14
N PRO B 154 -6.59 12.94 6.61
CA PRO B 154 -6.88 12.86 5.18
C PRO B 154 -7.46 14.12 4.61
N VAL B 155 -7.65 14.11 3.29
CA VAL B 155 -8.41 15.13 2.60
C VAL B 155 -9.56 14.38 1.96
N THR B 156 -10.71 15.00 1.73
CA THR B 156 -11.77 14.31 1.00
C THR B 156 -11.97 15.19 -0.23
N VAL B 157 -12.21 14.53 -1.35
CA VAL B 157 -12.38 15.19 -2.63
C VAL B 157 -13.73 14.72 -3.13
N THR B 158 -14.57 15.64 -3.59
CA THR B 158 -15.82 15.31 -4.29
C THR B 158 -15.83 16.15 -5.55
N TRP B 159 -16.72 15.82 -6.47
CA TRP B 159 -16.82 16.52 -7.73
C TRP B 159 -18.25 16.95 -7.85
N ASN B 160 -18.39 18.27 -7.96
CA ASN B 160 -19.67 18.95 -8.08
C ASN B 160 -20.57 18.54 -6.93
N SER B 161 -20.02 18.70 -5.74
CA SER B 161 -20.74 18.47 -4.49
C SER B 161 -21.32 17.05 -4.36
N GLY B 162 -20.66 16.08 -5.01
CA GLY B 162 -21.08 14.71 -4.96
C GLY B 162 -21.96 14.33 -6.14
N SER B 163 -22.50 15.29 -6.88
CA SER B 163 -23.32 14.99 -8.03
C SER B 163 -22.54 14.31 -9.15
N LEU B 164 -21.22 14.50 -9.21
CA LEU B 164 -20.42 13.82 -10.22
C LEU B 164 -19.68 12.72 -9.45
N SER B 165 -20.26 11.51 -9.52
CA SER B 165 -19.72 10.37 -8.83
C SER B 165 -19.21 9.32 -9.80
N SER B 166 -19.80 9.23 -10.99
CA SER B 166 -19.32 8.30 -11.98
C SER B 166 -18.05 8.85 -12.62
N GLY B 167 -17.13 7.93 -12.94
CA GLY B 167 -15.90 8.24 -13.63
C GLY B 167 -14.86 8.93 -12.78
N VAL B 168 -14.97 8.90 -11.45
CA VAL B 168 -14.01 9.53 -10.56
C VAL B 168 -12.95 8.56 -10.10
N HIS B 169 -11.68 8.97 -10.09
CA HIS B 169 -10.58 8.17 -9.54
C HIS B 169 -9.84 9.11 -8.64
N THR B 170 -9.73 8.79 -7.37
CA THR B 170 -8.94 9.58 -6.47
C THR B 170 -7.81 8.64 -6.11
N PHE B 171 -6.59 9.09 -6.34
CA PHE B 171 -5.42 8.27 -6.11
C PHE B 171 -4.93 8.37 -4.67
N PRO B 172 -4.20 7.38 -4.13
CA PRO B 172 -3.56 7.49 -2.83
C PRO B 172 -2.50 8.58 -2.70
N ALA B 173 -2.35 9.18 -1.52
CA ALA B 173 -1.41 10.26 -1.29
C ALA B 173 0.05 9.82 -1.38
N VAL B 174 0.97 10.64 -1.88
CA VAL B 174 2.38 10.36 -1.77
C VAL B 174 2.90 11.42 -0.81
N LEU B 175 4.00 11.13 -0.16
CA LEU B 175 4.65 12.11 0.67
C LEU B 175 5.70 12.75 -0.25
N GLN B 176 5.77 14.06 -0.33
CA GLN B 176 6.78 14.78 -1.08
C GLN B 176 7.22 15.85 -0.08
N SER B 177 8.52 15.84 0.20
CA SER B 177 9.13 16.63 1.28
C SER B 177 8.41 16.12 2.53
N ASP B 178 7.76 16.87 3.43
CA ASP B 178 7.07 16.14 4.46
C ASP B 178 5.60 16.47 4.47
N LEU B 179 5.07 16.64 3.28
CA LEU B 179 3.67 16.93 3.15
C LEU B 179 3.16 15.96 2.10
N TYR B 180 1.86 15.71 2.12
CA TYR B 180 1.23 14.80 1.20
C TYR B 180 0.75 15.52 -0.04
N THR B 181 0.72 14.80 -1.16
CA THR B 181 0.15 15.29 -2.38
C THR B 181 -0.74 14.15 -2.84
N LEU B 182 -1.87 14.48 -3.44
CA LEU B 182 -2.85 13.49 -3.87
C LEU B 182 -3.49 14.05 -5.12
N SER B 183 -4.05 13.26 -6.04
CA SER B 183 -4.83 13.87 -7.10
C SER B 183 -6.15 13.11 -7.32
N SER B 184 -7.09 13.69 -8.03
CA SER B 184 -8.36 13.04 -8.30
C SER B 184 -8.70 13.46 -9.71
N SER B 185 -9.35 12.60 -10.46
CA SER B 185 -9.74 12.91 -11.82
C SER B 185 -11.18 12.48 -12.02
N VAL B 186 -11.83 13.02 -13.04
CA VAL B 186 -13.19 12.68 -13.40
C VAL B 186 -13.18 12.69 -14.92
N THR B 187 -13.85 11.75 -15.57
CA THR B 187 -13.90 11.74 -17.03
C THR B 187 -15.33 12.06 -17.41
N VAL B 188 -15.58 13.04 -18.28
CA VAL B 188 -16.96 13.40 -18.63
C VAL B 188 -17.06 13.41 -20.15
N PRO B 189 -18.23 13.28 -20.80
CA PRO B 189 -18.38 13.33 -22.27
C PRO B 189 -17.83 14.65 -22.75
N SER B 190 -17.25 14.68 -23.94
CA SER B 190 -16.62 15.88 -24.45
C SER B 190 -17.62 17.01 -24.53
N SER B 191 -18.79 16.80 -25.14
CA SER B 191 -19.85 17.81 -25.29
C SER B 191 -20.20 18.61 -24.03
N THR B 192 -20.17 17.85 -22.96
CA THR B 192 -20.53 18.30 -21.64
C THR B 192 -19.63 19.44 -21.18
N TRP B 193 -18.35 19.47 -21.55
CA TRP B 193 -17.46 20.45 -21.00
C TRP B 193 -17.03 21.42 -22.10
N PRO B 194 -16.93 22.76 -21.94
CA PRO B 194 -17.22 23.53 -20.74
C PRO B 194 -18.63 23.94 -20.41
N SER B 195 -19.67 23.61 -21.19
CA SER B 195 -21.03 24.05 -20.88
C SER B 195 -21.44 23.73 -19.45
N GLU B 196 -21.17 22.49 -19.06
CA GLU B 196 -21.42 21.98 -17.73
C GLU B 196 -20.17 22.21 -16.92
N THR B 197 -20.33 23.08 -15.94
CA THR B 197 -19.31 23.43 -14.98
C THR B 197 -18.92 22.21 -14.15
N VAL B 198 -17.61 22.08 -13.93
CA VAL B 198 -17.02 20.94 -13.20
C VAL B 198 -16.19 21.62 -12.14
N THR B 199 -16.39 21.26 -10.90
CA THR B 199 -15.71 21.86 -9.75
C THR B 199 -15.19 20.74 -8.83
N CYS B 200 -13.95 20.71 -8.32
CA CYS B 200 -13.69 19.72 -7.30
C CYS B 200 -13.84 20.41 -5.95
N ASN B 201 -14.27 19.71 -4.92
CA ASN B 201 -14.50 20.28 -3.59
C ASN B 201 -13.55 19.46 -2.73
N VAL B 202 -12.63 20.14 -2.03
CA VAL B 202 -11.59 19.53 -1.25
C VAL B 202 -11.73 20.00 0.21
N ALA B 203 -11.91 19.05 1.13
CA ALA B 203 -11.96 19.37 2.54
C ALA B 203 -10.77 18.78 3.24
N HIS B 204 -10.19 19.55 4.13
CA HIS B 204 -9.12 19.06 4.96
C HIS B 204 -9.54 19.37 6.40
N PRO B 205 -10.25 18.45 7.08
CA PRO B 205 -10.76 18.60 8.42
C PRO B 205 -9.76 19.12 9.45
N ALA B 206 -8.57 18.55 9.64
CA ALA B 206 -7.61 19.05 10.61
C ALA B 206 -7.36 20.56 10.59
N SER B 207 -7.52 21.22 9.45
CA SER B 207 -7.31 22.67 9.39
C SER B 207 -8.55 23.38 8.88
N SER B 208 -9.70 22.68 8.96
CA SER B 208 -11.01 23.11 8.49
C SER B 208 -10.96 23.93 7.20
N THR B 209 -10.22 23.34 6.29
CA THR B 209 -9.99 23.91 4.98
C THR B 209 -11.11 23.34 4.14
N LYS B 210 -11.87 24.14 3.41
CA LYS B 210 -12.82 23.61 2.44
C LYS B 210 -12.60 24.56 1.27
N VAL B 211 -12.31 24.05 0.09
CA VAL B 211 -12.02 24.91 -1.05
C VAL B 211 -12.59 24.23 -2.28
N ASP B 212 -13.17 24.99 -3.18
CA ASP B 212 -13.75 24.45 -4.38
C ASP B 212 -12.91 25.02 -5.51
N LYS B 213 -12.57 24.25 -6.54
CA LYS B 213 -11.79 24.77 -7.65
C LYS B 213 -12.54 24.38 -8.93
N LYS B 214 -13.00 25.40 -9.68
CA LYS B 214 -13.72 25.19 -10.94
C LYS B 214 -12.63 24.92 -11.99
N ILE B 215 -12.84 23.94 -12.88
CA ILE B 215 -11.88 23.59 -13.93
C ILE B 215 -12.26 24.47 -15.12
N VAL B 216 -11.29 25.18 -15.68
CA VAL B 216 -11.51 26.16 -16.74
C VAL B 216 -10.59 25.76 -17.87
N PRO B 217 -11.05 25.70 -19.13
CA PRO B 217 -10.20 25.33 -20.26
C PRO B 217 -9.07 26.31 -20.49
N ARG B 218 -7.93 25.75 -20.85
CA ARG B 218 -6.69 26.46 -21.04
C ARG B 218 -6.49 26.88 -22.49
C1 RAM C . 8.02 -21.72 27.81
C2 RAM C . 9.33 -21.22 27.10
C3 RAM C . 9.30 -21.45 25.58
C4 RAM C . 7.92 -20.94 24.99
C5 RAM C . 6.75 -21.60 25.74
C6 RAM C . 5.32 -21.30 25.25
O1 RAM C . 7.95 -23.14 27.83
O2 RAM C . 9.49 -19.84 27.35
O3 RAM C . 10.39 -20.73 25.00
O4 RAM C . 7.73 -21.14 23.56
O5 RAM C . 6.85 -21.21 27.12
C1 MAN C . 8.55 -22.06 22.80
C2 MAN C . 8.55 -21.59 21.37
C3 MAN C . 7.19 -21.88 20.77
C4 MAN C . 6.81 -23.36 20.88
C5 MAN C . 6.88 -23.82 22.35
C6 MAN C . 6.81 -25.36 22.47
O2 MAN C . 9.56 -22.27 20.62
O3 MAN C . 7.28 -21.54 19.39
O4 MAN C . 5.50 -23.62 20.37
O5 MAN C . 8.12 -23.42 22.94
O6 MAN C . 5.48 -25.83 22.23
C1 GLA C . 10.88 -21.74 20.59
C2 GLA C . 11.62 -22.41 19.44
C3 GLA C . 11.83 -23.91 19.68
C4 GLA C . 12.60 -24.12 21.02
C5 GLA C . 11.85 -23.37 22.18
C6 GLA C . 12.63 -23.31 23.52
O2 GLA C . 10.87 -22.28 18.26
O3 GLA C . 12.56 -24.43 18.58
O4 GLA C . 13.92 -23.66 20.84
O5 GLA C . 11.56 -21.98 21.81
O6 GLA C . 12.51 -24.52 24.23
C1 ABE C . 6.19 -20.85 18.83
C2 ABE C . 6.37 -21.08 17.33
C3 ABE C . 7.59 -20.31 16.77
C4 ABE C . 7.52 -18.84 17.23
C5 ABE C . 7.45 -18.76 18.76
C6 ABE C . 7.45 -17.33 19.26
O2 ABE C . 6.61 -22.46 17.15
O4 ABE C . 6.43 -18.17 16.66
O5 ABE C . 6.23 -19.44 19.19
#